data_5CJ6
#
_entry.id   5CJ6
#
_cell.length_a   55.803
_cell.length_b   65.997
_cell.length_c   73.410
_cell.angle_alpha   90.00
_cell.angle_beta   90.00
_cell.angle_gamma   90.00
#
_symmetry.space_group_name_H-M   'P 21 21 21'
#
loop_
_entity.id
_entity.type
_entity.pdbx_description
1 polymer 'Androgen receptor'
2 polymer 'small peptide'
3 non-polymer 2-chloro-4-{[(1R,2R)-2-hydroxy-2-methylcyclopentyl]amino}-3-methylbenzonitrile
4 water water
#
loop_
_entity_poly.entity_id
_entity_poly.type
_entity_poly.pdbx_seq_one_letter_code
_entity_poly.pdbx_strand_id
1 'polypeptide(L)'
;SLEEGEASSTTSPTEETTQKLTVSHIEGYECQPIFLNVLEAIEPGVVCAGHDNNQPDSFAALLSSLNELGERQLVHVVKW
AKALPGFRNLHVDDQMAVIQYSWMGLMVFAMGWRSFTNVNSRMLYFAPDLVFNEYRMHKSRMYSQCVRMRHLSQEFGWLQ
ITPQEFLCMKALLLFSIIPVDGLKNQKFFDELRMNYIKELDRIIACKRKNPTSCSRRFYQLTKLLDSVQPIARELHQFTF
DLLIKSHMVSVDFPEMMAEIISVQVPKILSGKVKPIYFHTQEG
;
A
2 'polypeptide(L)' GAFQNLFQSV B
#
loop_
_chem_comp.id
_chem_comp.type
_chem_comp.name
_chem_comp.formula
51Y non-polymer 2-chloro-4-{[(1R,2R)-2-hydroxy-2-methylcyclopentyl]amino}-3-methylbenzonitrile 'C14 H17 Cl N2 O'
#
# COMPACT_ATOMS: atom_id res chain seq x y z
N PRO A 33 13.86 16.74 -15.03
CA PRO A 33 13.05 15.54 -14.92
C PRO A 33 11.77 15.84 -14.11
N ILE A 34 10.81 16.42 -14.80
CA ILE A 34 9.56 16.88 -14.22
C ILE A 34 8.87 15.79 -13.39
N PHE A 35 8.75 14.59 -13.96
CA PHE A 35 7.97 13.54 -13.32
C PHE A 35 8.51 13.16 -11.93
N LEU A 36 9.82 12.97 -11.85
CA LEU A 36 10.49 12.63 -10.61
C LEU A 36 10.50 13.75 -9.60
N ASN A 37 10.67 14.99 -10.06
CA ASN A 37 10.43 16.17 -9.19
C ASN A 37 9.09 16.07 -8.46
N VAL A 38 8.04 15.72 -9.20
CA VAL A 38 6.68 15.69 -8.64
C VAL A 38 6.56 14.58 -7.61
N LEU A 39 6.99 13.38 -7.98
CA LEU A 39 6.93 12.23 -7.07
C LEU A 39 7.66 12.49 -5.75
N GLU A 40 8.82 13.13 -5.81
CA GLU A 40 9.55 13.48 -4.57
C GLU A 40 8.79 14.54 -3.77
N ALA A 41 8.20 15.50 -4.48
CA ALA A 41 7.52 16.62 -3.83
C ALA A 41 6.29 16.19 -3.04
N ILE A 42 5.54 15.22 -3.58
CA ILE A 42 4.27 14.81 -2.99
C ILE A 42 4.39 13.64 -2.00
N GLU A 43 5.59 13.07 -1.88
CA GLU A 43 5.81 11.93 -0.99
C GLU A 43 5.54 12.33 0.46
N PRO A 44 4.66 11.57 1.17
CA PRO A 44 4.29 11.95 2.54
C PRO A 44 5.48 11.85 3.49
N GLY A 45 5.51 12.71 4.51
CA GLY A 45 6.53 12.63 5.55
C GLY A 45 6.16 11.59 6.59
N VAL A 46 6.72 11.78 7.78
CA VAL A 46 6.57 10.82 8.87
C VAL A 46 5.12 10.79 9.40
N VAL A 47 4.59 9.59 9.60
CA VAL A 47 3.24 9.41 10.15
C VAL A 47 3.35 8.57 11.43
N CYS A 48 2.92 9.14 12.55
CA CYS A 48 2.92 8.42 13.83
C CYS A 48 1.62 7.66 14.04
N ALA A 49 1.71 6.56 14.78
CA ALA A 49 0.57 5.70 15.01
C ALA A 49 -0.30 6.21 16.15
N GLY A 50 0.30 6.93 17.08
CA GLY A 50 -0.39 7.40 18.30
C GLY A 50 -0.35 6.31 19.36
N HIS A 51 0.58 5.38 19.19
CA HIS A 51 0.66 4.23 20.08
C HIS A 51 1.28 4.58 21.42
N ASP A 52 0.59 4.22 22.49
CA ASP A 52 1.11 4.34 23.84
C ASP A 52 2.04 3.15 24.10
N ASN A 53 3.33 3.37 23.93
CA ASN A 53 4.33 2.32 24.09
C ASN A 53 4.53 1.81 25.51
N ASN A 54 3.89 2.47 26.47
CA ASN A 54 3.97 2.11 27.88
C ASN A 54 3.03 0.99 28.29
N GLN A 55 1.91 0.85 27.58
CA GLN A 55 0.98 -0.24 27.82
C GLN A 55 1.55 -1.56 27.29
N PRO A 56 1.16 -2.71 27.90
CA PRO A 56 1.70 -4.01 27.48
C PRO A 56 1.31 -4.38 26.05
N ASP A 57 2.14 -5.19 25.41
CA ASP A 57 1.88 -5.61 24.04
C ASP A 57 0.79 -6.68 24.01
N SER A 58 -0.47 -6.25 24.07
CA SER A 58 -1.58 -7.17 23.94
C SER A 58 -2.07 -7.15 22.49
N PHE A 59 -2.79 -8.19 22.10
CA PHE A 59 -3.41 -8.26 20.78
C PHE A 59 -4.29 -7.03 20.51
N ALA A 60 -5.19 -6.73 21.44
CA ALA A 60 -6.17 -5.64 21.28
C ALA A 60 -5.51 -4.26 21.17
N ALA A 61 -4.50 -3.99 21.99
CA ALA A 61 -3.83 -2.69 21.93
C ALA A 61 -2.97 -2.55 20.66
N LEU A 62 -2.24 -3.60 20.30
CA LEU A 62 -1.41 -3.54 19.08
C LEU A 62 -2.25 -3.31 17.83
N LEU A 63 -3.30 -4.11 17.64
CA LEU A 63 -4.14 -4.00 16.45
C LEU A 63 -4.98 -2.72 16.45
N SER A 64 -5.43 -2.27 17.62
CA SER A 64 -6.15 -0.99 17.67
C SER A 64 -5.24 0.16 17.22
N SER A 65 -3.97 0.12 17.60
CA SER A 65 -2.99 1.11 17.15
C SER A 65 -2.65 0.96 15.67
N LEU A 66 -2.56 -0.28 15.20
CA LEU A 66 -2.35 -0.54 13.77
C LEU A 66 -3.50 0.01 12.93
N ASN A 67 -4.73 -0.14 13.41
CA ASN A 67 -5.91 0.36 12.71
C ASN A 67 -5.95 1.90 12.65
N GLU A 68 -5.60 2.54 13.76
CA GLU A 68 -5.50 4.00 13.81
C GLU A 68 -4.46 4.47 12.80
N LEU A 69 -3.29 3.85 12.82
CA LEU A 69 -2.25 4.13 11.83
C LEU A 69 -2.74 3.91 10.39
N GLY A 70 -3.44 2.80 10.16
CA GLY A 70 -3.95 2.50 8.84
C GLY A 70 -4.79 3.64 8.30
N GLU A 71 -5.68 4.16 9.15
CA GLU A 71 -6.54 5.29 8.77
C GLU A 71 -5.74 6.56 8.48
N ARG A 72 -4.78 6.89 9.36
CA ARG A 72 -3.91 8.04 9.13
C ARG A 72 -3.15 7.94 7.80
N GLN A 73 -2.63 6.74 7.52
CA GLN A 73 -1.98 6.47 6.23
C GLN A 73 -2.94 6.62 5.04
N LEU A 74 -4.19 6.17 5.20
CA LEU A 74 -5.18 6.28 4.13
C LEU A 74 -5.43 7.75 3.77
N VAL A 75 -5.54 8.59 4.79
CA VAL A 75 -5.68 10.03 4.58
C VAL A 75 -4.51 10.54 3.73
N HIS A 76 -3.29 10.12 4.06
CA HIS A 76 -2.11 10.55 3.30
C HIS A 76 -2.10 10.00 1.88
N VAL A 77 -2.53 8.75 1.72
CA VAL A 77 -2.61 8.13 0.39
C VAL A 77 -3.57 8.92 -0.52
N VAL A 78 -4.71 9.37 0.02
CA VAL A 78 -5.66 10.15 -0.76
C VAL A 78 -5.04 11.45 -1.30
N LYS A 79 -4.38 12.20 -0.42
CA LYS A 79 -3.77 13.48 -0.78
C LYS A 79 -2.62 13.29 -1.77
N TRP A 80 -1.85 12.21 -1.56
CA TRP A 80 -0.75 11.81 -2.47
C TRP A 80 -1.29 11.47 -3.87
N ALA A 81 -2.26 10.56 -3.92
CA ALA A 81 -2.83 10.09 -5.18
C ALA A 81 -3.46 11.22 -6.00
N LYS A 82 -4.22 12.09 -5.35
CA LYS A 82 -4.87 13.19 -6.05
C LYS A 82 -3.88 14.18 -6.66
N ALA A 83 -2.65 14.20 -6.16
CA ALA A 83 -1.60 15.11 -6.65
C ALA A 83 -0.66 14.47 -7.69
N LEU A 84 -0.91 13.19 -8.00
CA LEU A 84 -0.11 12.47 -8.99
C LEU A 84 -0.38 12.98 -10.38
N PRO A 85 0.66 13.03 -11.24
CA PRO A 85 0.44 13.44 -12.66
C PRO A 85 -0.61 12.60 -13.38
N GLY A 86 -1.56 13.28 -14.04
CA GLY A 86 -2.64 12.59 -14.77
C GLY A 86 -3.80 12.02 -13.97
N PHE A 87 -3.66 11.91 -12.64
CA PHE A 87 -4.66 11.19 -11.83
C PHE A 87 -6.06 11.81 -11.94
N ARG A 88 -6.10 13.13 -12.02
CA ARG A 88 -7.37 13.86 -12.12
C ARG A 88 -8.08 13.70 -13.47
N ASN A 89 -7.38 13.17 -14.46
CA ASN A 89 -7.97 12.80 -15.74
C ASN A 89 -8.91 11.60 -15.61
N LEU A 90 -8.72 10.81 -14.55
CA LEU A 90 -9.57 9.65 -14.32
C LEU A 90 -10.97 10.12 -13.96
N HIS A 91 -11.96 9.32 -14.33
CA HIS A 91 -13.30 9.53 -13.84
C HIS A 91 -13.25 9.52 -12.31
N VAL A 92 -13.98 10.44 -11.67
CA VAL A 92 -13.91 10.64 -10.22
C VAL A 92 -14.25 9.39 -9.38
N ASP A 93 -15.24 8.62 -9.84
CA ASP A 93 -15.60 7.35 -9.18
C ASP A 93 -14.46 6.33 -9.28
N ASP A 94 -13.74 6.36 -10.40
CA ASP A 94 -12.57 5.50 -10.59
C ASP A 94 -11.38 5.93 -9.72
N GLN A 95 -11.28 7.24 -9.49
CA GLN A 95 -10.26 7.80 -8.60
C GLN A 95 -10.43 7.25 -7.20
N MET A 96 -11.66 7.30 -6.70
CA MET A 96 -11.97 6.82 -5.35
C MET A 96 -11.75 5.30 -5.26
N ALA A 97 -12.13 4.59 -6.33
CA ALA A 97 -12.03 3.14 -6.38
C ALA A 97 -10.59 2.64 -6.35
N VAL A 98 -9.72 3.16 -7.21
CA VAL A 98 -8.35 2.65 -7.24
C VAL A 98 -7.57 2.93 -5.95
N ILE A 99 -7.85 4.05 -5.29
CA ILE A 99 -7.24 4.37 -4.02
C ILE A 99 -7.65 3.33 -2.95
N GLN A 100 -8.95 3.04 -2.90
CA GLN A 100 -9.45 2.06 -1.95
C GLN A 100 -8.91 0.66 -2.21
N TYR A 101 -8.91 0.23 -3.47
CA TYR A 101 -8.40 -1.11 -3.83
C TYR A 101 -6.90 -1.27 -3.55
N SER A 102 -6.11 -0.23 -3.85
CA SER A 102 -4.64 -0.30 -3.79
C SER A 102 -4.05 0.04 -2.45
N TRP A 103 -4.87 0.65 -1.59
CA TRP A 103 -4.45 1.14 -0.30
C TRP A 103 -3.54 0.17 0.46
N MET A 104 -4.00 -1.07 0.65
CA MET A 104 -3.25 -2.05 1.43
C MET A 104 -1.86 -2.30 0.88
N GLY A 105 -1.77 -2.53 -0.43
CA GLY A 105 -0.50 -2.76 -1.14
C GLY A 105 0.43 -1.56 -1.05
N LEU A 106 -0.14 -0.37 -1.20
CA LEU A 106 0.63 0.87 -1.10
C LEU A 106 1.24 1.01 0.30
N MET A 107 0.44 0.75 1.33
CA MET A 107 0.91 0.78 2.72
C MET A 107 2.02 -0.23 3.01
N VAL A 108 1.82 -1.47 2.57
CA VAL A 108 2.83 -2.52 2.72
C VAL A 108 4.16 -2.16 2.04
N PHE A 109 4.07 -1.69 0.80
CA PHE A 109 5.24 -1.33 0.01
C PHE A 109 6.06 -0.21 0.65
N ALA A 110 5.38 0.84 1.10
CA ALA A 110 6.00 1.99 1.73
C ALA A 110 6.57 1.61 3.10
N MET A 111 5.85 0.79 3.84
CA MET A 111 6.32 0.32 5.14
C MET A 111 7.59 -0.53 4.98
N GLY A 112 7.62 -1.38 3.95
CA GLY A 112 8.80 -2.14 3.62
C GLY A 112 10.01 -1.26 3.38
N TRP A 113 9.79 -0.13 2.70
CA TRP A 113 10.87 0.79 2.40
C TRP A 113 11.37 1.51 3.66
N ARG A 114 10.44 2.01 4.48
CA ARG A 114 10.75 2.59 5.81
C ARG A 114 11.57 1.62 6.67
N SER A 115 11.15 0.36 6.65
CA SER A 115 11.82 -0.68 7.42
C SER A 115 13.25 -0.87 6.93
N PHE A 116 13.43 -0.88 5.62
CA PHE A 116 14.73 -0.98 4.99
C PHE A 116 15.61 0.23 5.34
N THR A 117 15.10 1.44 5.11
CA THR A 117 15.90 2.64 5.30
C THR A 117 16.24 2.95 6.76
N ASN A 118 15.35 2.58 7.69
CA ASN A 118 15.52 2.93 9.10
C ASN A 118 16.16 1.86 9.96
N VAL A 119 15.80 0.60 9.72
CA VAL A 119 16.27 -0.48 10.57
C VAL A 119 16.80 -1.67 9.77
N ASN A 120 17.35 -1.37 8.58
CA ASN A 120 17.80 -2.38 7.61
C ASN A 120 16.95 -3.66 7.57
N SER A 121 15.63 -3.47 7.57
CA SER A 121 14.66 -4.58 7.47
C SER A 121 14.70 -5.59 8.63
N ARG A 122 15.41 -5.26 9.71
CA ARG A 122 15.55 -6.22 10.82
C ARG A 122 14.26 -6.29 11.67
N MET A 123 13.47 -5.21 11.63
CA MET A 123 12.16 -5.15 12.26
C MET A 123 11.18 -4.44 11.33
N LEU A 124 9.89 -4.51 11.67
CA LEU A 124 8.86 -3.82 10.89
C LEU A 124 8.57 -2.43 11.44
N TYR A 125 8.99 -1.42 10.68
CA TYR A 125 8.87 -0.02 11.06
C TYR A 125 7.56 0.56 10.53
N PHE A 126 6.45 0.15 11.16
CA PHE A 126 5.15 0.69 10.78
C PHE A 126 5.10 2.22 10.97
N ALA A 127 5.66 2.66 12.10
CA ALA A 127 5.73 4.08 12.47
C ALA A 127 6.86 4.26 13.51
N PRO A 128 7.33 5.51 13.70
CA PRO A 128 8.37 5.76 14.72
C PRO A 128 7.95 5.29 16.11
N ASP A 129 6.66 5.40 16.42
CA ASP A 129 6.14 4.98 17.72
C ASP A 129 5.49 3.60 17.69
N LEU A 130 5.73 2.83 16.63
CA LEU A 130 5.15 1.48 16.52
C LEU A 130 6.04 0.57 15.67
N VAL A 131 7.14 0.15 16.26
CA VAL A 131 8.07 -0.71 15.58
C VAL A 131 7.85 -2.12 16.11
N PHE A 132 7.58 -3.05 15.21
CA PHE A 132 7.31 -4.42 15.61
C PHE A 132 8.59 -5.20 15.73
N ASN A 133 8.83 -5.72 16.93
CA ASN A 133 9.83 -6.75 17.17
C ASN A 133 9.16 -8.12 17.08
N GLU A 134 9.91 -9.19 17.33
CA GLU A 134 9.37 -10.53 17.16
C GLU A 134 8.24 -10.81 18.15
N TYR A 135 8.36 -10.24 19.35
CA TYR A 135 7.32 -10.41 20.36
C TYR A 135 5.99 -9.78 19.90
N ARG A 136 6.04 -8.59 19.34
CA ARG A 136 4.82 -7.95 18.82
C ARG A 136 4.23 -8.68 17.63
N MET A 137 5.10 -9.23 16.78
CA MET A 137 4.68 -10.02 15.64
C MET A 137 3.87 -11.22 16.09
N HIS A 138 4.34 -11.91 17.13
CA HIS A 138 3.59 -13.01 17.74
C HIS A 138 2.29 -12.53 18.39
N LYS A 139 2.39 -11.47 19.20
CA LYS A 139 1.24 -11.01 19.99
C LYS A 139 0.09 -10.45 19.14
N SER A 140 0.43 -9.89 17.99
CA SER A 140 -0.57 -9.39 17.03
C SER A 140 -1.25 -10.52 16.24
N ARG A 141 -0.79 -11.75 16.45
CA ARG A 141 -1.26 -12.94 15.68
C ARG A 141 -1.10 -12.76 14.16
N MET A 142 -0.12 -11.95 13.77
CA MET A 142 0.16 -11.62 12.38
C MET A 142 1.53 -12.12 11.97
N TYR A 143 2.10 -13.05 12.74
CA TYR A 143 3.51 -13.42 12.58
C TYR A 143 3.87 -13.83 11.14
N SER A 144 3.15 -14.78 10.57
CA SER A 144 3.48 -15.26 9.22
C SER A 144 3.40 -14.13 8.18
N GLN A 145 2.37 -13.29 8.28
CA GLN A 145 2.22 -12.12 7.41
C GLN A 145 3.37 -11.14 7.60
N CYS A 146 3.73 -10.87 8.86
CA CYS A 146 4.89 -10.02 9.16
C CYS A 146 6.17 -10.55 8.55
N VAL A 147 6.37 -11.87 8.59
CA VAL A 147 7.53 -12.52 7.95
C VAL A 147 7.56 -12.22 6.45
N ARG A 148 6.43 -12.42 5.78
CA ARG A 148 6.31 -12.06 4.35
C ARG A 148 6.61 -10.59 4.07
N MET A 149 6.08 -9.68 4.90
CA MET A 149 6.39 -8.24 4.78
C MET A 149 7.87 -7.92 5.02
N ARG A 150 8.48 -8.59 5.99
CA ARG A 150 9.91 -8.43 6.23
C ARG A 150 10.72 -8.88 5.01
N HIS A 151 10.30 -9.98 4.37
CA HIS A 151 10.97 -10.47 3.15
C HIS A 151 10.87 -9.46 1.99
N LEU A 152 9.69 -8.89 1.79
CA LEU A 152 9.51 -7.81 0.83
C LEU A 152 10.48 -6.67 1.15
N SER A 153 10.52 -6.25 2.40
CA SER A 153 11.43 -5.18 2.83
C SER A 153 12.89 -5.49 2.49
N GLN A 154 13.28 -6.73 2.72
CA GLN A 154 14.65 -7.16 2.43
C GLN A 154 14.97 -7.08 0.94
N GLU A 155 13.97 -7.28 0.08
CA GLU A 155 14.15 -7.16 -1.37
C GLU A 155 14.74 -5.82 -1.82
N PHE A 156 14.37 -4.74 -1.10
CA PHE A 156 14.88 -3.41 -1.39
C PHE A 156 16.39 -3.34 -1.22
N GLY A 157 16.91 -4.10 -0.25
CA GLY A 157 18.35 -4.28 -0.08
C GLY A 157 18.96 -5.20 -1.12
N TRP A 158 18.36 -6.37 -1.31
CA TRP A 158 18.91 -7.36 -2.24
C TRP A 158 18.97 -6.87 -3.68
N LEU A 159 17.93 -6.14 -4.10
CA LEU A 159 17.89 -5.54 -5.42
C LEU A 159 18.53 -4.15 -5.47
N GLN A 160 18.97 -3.63 -4.32
CA GLN A 160 19.57 -2.28 -4.25
C GLN A 160 18.66 -1.25 -4.94
N ILE A 161 17.39 -1.23 -4.54
CA ILE A 161 16.40 -0.33 -5.16
C ILE A 161 16.75 1.13 -4.85
N THR A 162 16.76 1.99 -5.86
CA THR A 162 17.05 3.40 -5.64
C THR A 162 15.78 4.15 -5.18
N PRO A 163 15.95 5.33 -4.54
CA PRO A 163 14.76 6.10 -4.14
C PRO A 163 13.86 6.43 -5.34
N GLN A 164 14.45 6.73 -6.50
CA GLN A 164 13.68 7.03 -7.72
C GLN A 164 12.90 5.81 -8.19
N GLU A 165 13.54 4.64 -8.15
CA GLU A 165 12.86 3.39 -8.54
C GLU A 165 11.72 3.12 -7.56
N PHE A 166 12.00 3.28 -6.27
CA PHE A 166 10.95 3.10 -5.26
C PHE A 166 9.72 3.99 -5.50
N LEU A 167 9.95 5.27 -5.78
CA LEU A 167 8.86 6.22 -6.02
C LEU A 167 8.01 5.87 -7.24
N CYS A 168 8.67 5.51 -8.34
CA CYS A 168 7.95 5.17 -9.56
CA CYS A 168 7.92 5.19 -9.56
C CYS A 168 7.18 3.88 -9.42
N MET A 169 7.80 2.90 -8.74
CA MET A 169 7.13 1.63 -8.48
C MET A 169 5.89 1.83 -7.62
N LYS A 170 6.01 2.68 -6.60
CA LYS A 170 4.91 2.90 -5.68
C LYS A 170 3.73 3.54 -6.42
N ALA A 171 4.05 4.47 -7.32
CA ALA A 171 3.01 5.14 -8.11
C ALA A 171 2.31 4.13 -9.03
N LEU A 172 3.08 3.23 -9.65
CA LEU A 172 2.53 2.16 -10.50
C LEU A 172 1.60 1.22 -9.73
N LEU A 173 1.93 0.97 -8.47
CA LEU A 173 1.12 0.11 -7.60
C LEU A 173 -0.31 0.62 -7.44
N LEU A 174 -0.48 1.95 -7.44
CA LEU A 174 -1.80 2.55 -7.42
C LEU A 174 -2.64 2.13 -8.62
N PHE A 175 -1.97 1.85 -9.74
CA PHE A 175 -2.66 1.52 -10.99
C PHE A 175 -2.57 0.03 -11.30
N SER A 176 -2.49 -0.79 -10.24
CA SER A 176 -2.28 -2.22 -10.44
C SER A 176 -3.39 -3.13 -9.90
N ILE A 177 -4.57 -2.57 -9.63
CA ILE A 177 -5.72 -3.36 -9.19
C ILE A 177 -7.07 -2.77 -9.64
N ILE A 178 -7.84 -3.56 -10.39
CA ILE A 178 -9.09 -3.06 -10.99
C ILE A 178 -10.24 -4.09 -10.97
N PRO A 179 -11.51 -3.63 -11.09
CA PRO A 179 -12.63 -4.57 -11.25
C PRO A 179 -12.50 -5.39 -12.54
N VAL A 180 -12.89 -6.65 -12.48
CA VAL A 180 -12.80 -7.56 -13.63
C VAL A 180 -13.63 -7.07 -14.81
N ASP A 181 -14.79 -6.48 -14.54
CA ASP A 181 -15.60 -5.94 -15.62
C ASP A 181 -15.35 -4.44 -15.85
N GLY A 182 -14.24 -3.95 -15.31
CA GLY A 182 -13.71 -2.66 -15.72
C GLY A 182 -14.12 -1.45 -14.88
N LEU A 183 -13.37 -0.38 -15.07
CA LEU A 183 -13.65 0.90 -14.45
C LEU A 183 -14.68 1.67 -15.28
N LYS A 184 -15.22 2.76 -14.73
CA LYS A 184 -16.13 3.64 -15.48
C LYS A 184 -15.52 4.20 -16.77
N ASN A 185 -14.27 4.68 -16.70
CA ASN A 185 -13.55 5.00 -17.92
C ASN A 185 -12.23 4.24 -17.98
N GLN A 186 -12.34 2.97 -18.40
CA GLN A 186 -11.18 2.10 -18.54
C GLN A 186 -10.13 2.62 -19.50
N LYS A 187 -10.56 3.22 -20.60
CA LYS A 187 -9.60 3.72 -21.60
C LYS A 187 -8.62 4.76 -21.07
N PHE A 188 -9.12 5.73 -20.30
CA PHE A 188 -8.26 6.73 -19.65
C PHE A 188 -7.34 6.07 -18.64
N PHE A 189 -7.85 5.07 -17.91
CA PHE A 189 -7.04 4.32 -16.97
C PHE A 189 -5.89 3.59 -17.68
N ASP A 190 -6.23 2.86 -18.75
CA ASP A 190 -5.23 2.12 -19.52
C ASP A 190 -4.09 3.02 -20.02
N GLU A 191 -4.46 4.20 -20.53
CA GLU A 191 -3.48 5.18 -21.00
C GLU A 191 -2.58 5.67 -19.89
N LEU A 192 -3.17 5.97 -18.73
CA LEU A 192 -2.40 6.49 -17.60
C LEU A 192 -1.44 5.43 -17.12
N ARG A 193 -1.93 4.20 -16.93
CA ARG A 193 -1.08 3.10 -16.46
C ARG A 193 0.08 2.89 -17.43
N MET A 194 -0.23 2.94 -18.73
CA MET A 194 0.82 2.85 -19.75
C MET A 194 1.91 3.91 -19.53
N ASN A 195 1.49 5.16 -19.31
CA ASN A 195 2.44 6.26 -19.04
C ASN A 195 3.27 6.06 -17.78
N TYR A 196 2.69 5.45 -16.75
CA TYR A 196 3.46 5.17 -15.53
C TYR A 196 4.48 4.04 -15.76
N ILE A 197 4.12 3.04 -16.55
CA ILE A 197 5.07 2.01 -16.98
C ILE A 197 6.23 2.64 -17.77
N LYS A 198 5.91 3.53 -18.72
CA LYS A 198 6.94 4.24 -19.50
C LYS A 198 7.91 5.01 -18.62
N GLU A 199 7.39 5.72 -17.61
CA GLU A 199 8.22 6.47 -16.66
C GLU A 199 9.17 5.55 -15.89
N LEU A 200 8.69 4.40 -15.43
CA LEU A 200 9.56 3.39 -14.82
C LEU A 200 10.69 2.92 -15.76
N ASP A 201 10.34 2.70 -17.02
CA ASP A 201 11.30 2.36 -18.06
C ASP A 201 12.39 3.44 -18.17
N ARG A 202 11.99 4.71 -18.22
CA ARG A 202 12.95 5.83 -18.35
C ARG A 202 13.89 5.93 -17.16
N ILE A 203 13.36 5.69 -15.96
CA ILE A 203 14.17 5.68 -14.76
C ILE A 203 15.27 4.62 -14.81
N ILE A 204 14.92 3.42 -15.29
CA ILE A 204 15.88 2.34 -15.51
C ILE A 204 16.94 2.76 -16.51
N ALA A 205 16.47 3.30 -17.65
CA ALA A 205 17.34 3.68 -18.77
C ALA A 205 18.25 4.87 -18.49
N CYS A 206 17.97 5.62 -17.43
CA CYS A 206 18.79 6.77 -17.05
C CYS A 206 20.22 6.33 -16.70
N PRO A 211 21.47 -2.34 -23.25
CA PRO A 211 20.08 -2.76 -23.47
C PRO A 211 19.71 -4.00 -22.67
N THR A 212 20.67 -4.92 -22.51
CA THR A 212 20.45 -6.13 -21.72
C THR A 212 20.40 -5.78 -20.23
N SER A 213 21.14 -4.73 -19.85
CA SER A 213 21.15 -4.24 -18.48
C SER A 213 19.77 -3.67 -18.08
N CYS A 214 19.22 -2.78 -18.92
CA CYS A 214 17.88 -2.25 -18.73
C CYS A 214 16.83 -3.35 -18.64
N SER A 215 16.94 -4.30 -19.56
CA SER A 215 16.01 -5.43 -19.67
C SER A 215 15.96 -6.27 -18.40
N ARG A 216 17.13 -6.62 -17.88
CA ARG A 216 17.24 -7.36 -16.64
C ARG A 216 16.61 -6.61 -15.47
N ARG A 217 16.93 -5.32 -15.37
CA ARG A 217 16.42 -4.46 -14.31
C ARG A 217 14.90 -4.36 -14.33
N PHE A 218 14.33 -4.16 -15.52
CA PHE A 218 12.90 -4.04 -15.68
C PHE A 218 12.19 -5.32 -15.25
N TYR A 219 12.77 -6.46 -15.64
CA TYR A 219 12.28 -7.75 -15.21
C TYR A 219 12.28 -7.87 -13.67
N GLN A 220 13.39 -7.50 -13.04
CA GLN A 220 13.51 -7.55 -11.57
C GLN A 220 12.45 -6.70 -10.88
N LEU A 221 12.23 -5.48 -11.37
CA LEU A 221 11.27 -4.54 -10.77
C LEU A 221 9.82 -4.96 -10.98
N THR A 222 9.48 -5.50 -12.14
CA THR A 222 8.11 -5.97 -12.39
C THR A 222 7.81 -7.20 -11.54
N LYS A 223 8.84 -8.01 -11.31
CA LYS A 223 8.71 -9.19 -10.49
C LYS A 223 8.51 -8.76 -9.03
N LEU A 224 9.26 -7.77 -8.58
CA LEU A 224 9.08 -7.21 -7.24
C LEU A 224 7.66 -6.64 -7.06
N LEU A 225 7.19 -5.84 -8.01
CA LEU A 225 5.82 -5.32 -7.98
C LEU A 225 4.73 -6.41 -7.92
N ASP A 226 4.85 -7.44 -8.76
CA ASP A 226 3.92 -8.58 -8.72
C ASP A 226 3.88 -9.20 -7.31
N SER A 227 5.04 -9.27 -6.65
CA SER A 227 5.17 -9.94 -5.34
C SER A 227 4.48 -9.20 -4.19
N VAL A 228 4.17 -7.92 -4.39
CA VAL A 228 3.39 -7.16 -3.41
C VAL A 228 1.97 -7.72 -3.27
N GLN A 229 1.40 -8.11 -4.40
CA GLN A 229 -0.02 -8.50 -4.48
C GLN A 229 -0.43 -9.68 -3.57
N PRO A 230 0.31 -10.81 -3.60
CA PRO A 230 -0.05 -11.90 -2.67
C PRO A 230 0.07 -11.48 -1.21
N ILE A 231 1.05 -10.65 -0.89
CA ILE A 231 1.19 -10.14 0.47
C ILE A 231 0.00 -9.27 0.84
N ALA A 232 -0.38 -8.36 -0.04
CA ALA A 232 -1.56 -7.53 0.15
C ALA A 232 -2.81 -8.38 0.32
N ARG A 233 -2.94 -9.46 -0.47
CA ARG A 233 -4.12 -10.34 -0.34
C ARG A 233 -4.20 -10.99 1.03
N GLU A 234 -3.07 -11.47 1.54
CA GLU A 234 -3.04 -12.03 2.89
C GLU A 234 -3.45 -11.00 3.94
N LEU A 235 -2.97 -9.77 3.79
CA LEU A 235 -3.37 -8.74 4.75
C LEU A 235 -4.84 -8.40 4.63
N HIS A 236 -5.36 -8.41 3.41
CA HIS A 236 -6.78 -8.19 3.19
C HIS A 236 -7.63 -9.26 3.88
N GLN A 237 -7.23 -10.51 3.72
CA GLN A 237 -7.92 -11.62 4.37
C GLN A 237 -7.87 -11.51 5.89
N PHE A 238 -6.68 -11.23 6.42
CA PHE A 238 -6.50 -11.06 7.87
C PHE A 238 -7.37 -9.90 8.41
N THR A 239 -7.36 -8.78 7.72
CA THR A 239 -8.10 -7.58 8.14
C THR A 239 -9.62 -7.80 8.12
N PHE A 240 -10.11 -8.45 7.07
CA PHE A 240 -11.53 -8.76 6.94
C PHE A 240 -11.95 -9.67 8.09
N ASP A 241 -11.21 -10.76 8.31
CA ASP A 241 -11.50 -11.70 9.40
C ASP A 241 -11.53 -10.97 10.74
N LEU A 242 -10.53 -10.12 10.96
CA LEU A 242 -10.46 -9.35 12.18
C LEU A 242 -11.69 -8.43 12.34
N LEU A 243 -12.07 -7.71 11.29
CA LEU A 243 -13.23 -6.83 11.39
C LEU A 243 -14.48 -7.59 11.83
N ILE A 244 -14.71 -8.74 11.22
CA ILE A 244 -15.88 -9.55 11.51
C ILE A 244 -15.97 -9.89 12.98
N LYS A 245 -14.85 -10.28 13.58
CA LYS A 245 -14.85 -10.71 14.98
C LYS A 245 -14.40 -9.60 15.94
N SER A 246 -14.26 -8.38 15.44
CA SER A 246 -13.67 -7.25 16.21
C SER A 246 -14.37 -6.94 17.54
N HIS A 247 -15.69 -7.01 17.55
CA HIS A 247 -16.45 -6.80 18.79
C HIS A 247 -16.10 -7.85 19.86
N MET A 248 -15.75 -9.06 19.42
CA MET A 248 -15.42 -10.17 20.31
C MET A 248 -14.00 -10.14 20.87
N VAL A 249 -13.06 -9.55 20.13
CA VAL A 249 -11.66 -9.46 20.57
C VAL A 249 -11.25 -8.06 21.02
N SER A 250 -12.23 -7.18 21.20
CA SER A 250 -12.03 -5.81 21.70
C SER A 250 -11.06 -4.98 20.85
N VAL A 251 -11.10 -5.18 19.54
CA VAL A 251 -10.24 -4.44 18.62
C VAL A 251 -11.07 -3.32 18.02
N ASP A 252 -10.56 -2.10 18.13
CA ASP A 252 -11.24 -0.94 17.57
C ASP A 252 -10.89 -0.68 16.11
N PHE A 253 -11.93 -0.45 15.32
CA PHE A 253 -11.80 0.01 13.94
C PHE A 253 -12.40 1.39 13.78
N PRO A 254 -11.60 2.35 13.28
CA PRO A 254 -12.17 3.64 12.91
C PRO A 254 -13.23 3.47 11.83
N GLU A 255 -14.24 4.34 11.84
CA GLU A 255 -15.42 4.21 10.98
C GLU A 255 -15.14 4.09 9.50
N MET A 256 -14.20 4.89 9.02
CA MET A 256 -13.86 4.90 7.62
C MET A 256 -13.14 3.60 7.20
N MET A 257 -12.31 3.08 8.09
N MET A 257 -12.31 3.07 8.09
CA MET A 257 -11.66 1.77 7.92
CA MET A 257 -11.65 1.79 7.88
C MET A 257 -12.70 0.67 7.82
C MET A 257 -12.68 0.65 7.84
N ALA A 258 -13.59 0.64 8.80
CA ALA A 258 -14.66 -0.36 8.86
C ALA A 258 -15.54 -0.30 7.59
N GLU A 259 -15.76 0.90 7.07
CA GLU A 259 -16.48 1.05 5.80
C GLU A 259 -15.75 0.38 4.64
N ILE A 260 -14.47 0.68 4.48
CA ILE A 260 -13.68 0.17 3.34
C ILE A 260 -13.45 -1.33 3.45
N ILE A 261 -13.20 -1.79 4.66
CA ILE A 261 -13.00 -3.22 4.85
C ILE A 261 -14.28 -3.99 4.57
N SER A 262 -15.45 -3.42 4.91
CA SER A 262 -16.71 -4.14 4.72
C SER A 262 -17.32 -3.95 3.32
N VAL A 263 -16.94 -2.87 2.63
CA VAL A 263 -17.54 -2.53 1.34
C VAL A 263 -16.63 -2.90 0.16
N GLN A 264 -15.34 -2.61 0.26
CA GLN A 264 -14.42 -2.76 -0.88
C GLN A 264 -13.56 -4.02 -0.84
N VAL A 265 -13.01 -4.31 0.33
CA VAL A 265 -12.13 -5.48 0.51
C VAL A 265 -12.81 -6.80 0.11
N PRO A 266 -14.11 -6.98 0.42
CA PRO A 266 -14.75 -8.24 0.02
C PRO A 266 -14.89 -8.37 -1.51
N LYS A 267 -14.90 -7.26 -2.23
CA LYS A 267 -14.85 -7.31 -3.71
C LYS A 267 -13.56 -7.97 -4.17
N ILE A 268 -12.46 -7.69 -3.48
CA ILE A 268 -11.16 -8.32 -3.77
C ILE A 268 -11.20 -9.81 -3.42
N LEU A 269 -11.60 -10.12 -2.19
CA LEU A 269 -11.62 -11.49 -1.68
C LEU A 269 -12.59 -12.40 -2.43
N SER A 270 -13.68 -11.83 -2.94
CA SER A 270 -14.62 -12.60 -3.76
C SER A 270 -14.23 -12.65 -5.25
N GLY A 271 -13.15 -11.97 -5.63
CA GLY A 271 -12.65 -12.03 -7.01
C GLY A 271 -13.29 -11.10 -8.02
N LYS A 272 -14.08 -10.14 -7.54
CA LYS A 272 -14.70 -9.14 -8.41
C LYS A 272 -13.69 -8.04 -8.80
N VAL A 273 -12.64 -7.89 -8.00
CA VAL A 273 -11.59 -6.90 -8.23
C VAL A 273 -10.27 -7.68 -8.11
N LYS A 274 -9.39 -7.53 -9.10
CA LYS A 274 -8.17 -8.33 -9.15
C LYS A 274 -6.94 -7.50 -9.51
N PRO A 275 -5.75 -7.95 -9.05
CA PRO A 275 -4.50 -7.30 -9.42
C PRO A 275 -4.20 -7.45 -10.90
N ILE A 276 -3.44 -6.49 -11.43
CA ILE A 276 -2.90 -6.59 -12.78
C ILE A 276 -1.47 -7.04 -12.60
N TYR A 277 -1.20 -8.29 -12.96
CA TYR A 277 0.15 -8.84 -12.90
C TYR A 277 0.89 -8.57 -14.20
N PHE A 278 2.19 -8.33 -14.10
CA PHE A 278 3.03 -8.25 -15.30
C PHE A 278 3.26 -9.66 -15.85
N HIS A 279 3.59 -10.60 -14.95
CA HIS A 279 3.98 -11.94 -15.31
C HIS A 279 2.88 -12.93 -14.98
N THR A 280 2.53 -13.76 -15.95
CA THR A 280 1.36 -14.64 -15.85
C THR A 280 1.64 -15.95 -15.12
N GLY B 1 -21.10 7.12 3.66
CA GLY B 1 -20.10 7.55 2.64
C GLY B 1 -18.89 8.20 3.26
N ALA B 2 -18.30 7.54 4.25
CA ALA B 2 -17.14 8.08 4.96
C ALA B 2 -15.94 8.38 4.04
N PHE B 3 -15.54 7.43 3.20
CA PHE B 3 -14.41 7.66 2.30
C PHE B 3 -14.63 8.79 1.30
N GLN B 4 -15.81 8.81 0.68
CA GLN B 4 -16.21 9.87 -0.24
C GLN B 4 -16.12 11.25 0.44
N ASN B 5 -16.55 11.29 1.70
CA ASN B 5 -16.45 12.51 2.51
C ASN B 5 -15.01 12.98 2.64
N LEU B 6 -14.10 12.08 2.99
CA LEU B 6 -12.67 12.39 3.05
C LEU B 6 -12.08 12.81 1.70
N PHE B 7 -12.39 12.05 0.65
CA PHE B 7 -11.91 12.33 -0.70
C PHE B 7 -12.26 13.76 -1.17
N GLN B 8 -13.50 14.17 -0.90
CA GLN B 8 -13.97 15.51 -1.25
C GLN B 8 -13.52 16.57 -0.26
N SER B 9 -13.24 16.18 0.98
CA SER B 9 -12.82 17.12 2.02
C SER B 9 -11.38 17.60 1.82
N VAL B 10 -10.55 16.75 1.23
CA VAL B 10 -9.14 17.07 1.01
C VAL B 10 -8.88 17.56 -0.42
C7 51Y C . -1.82 -1.17 9.33
C6 51Y C . -1.57 -2.35 8.66
C1 51Y C . -1.01 -0.07 9.19
C5 51Y C . -0.17 -3.67 7.08
C4 51Y C . -0.47 -2.41 7.82
C3 51Y C . 0.34 -1.30 7.68
C2 51Y C . 0.08 -0.14 8.36
N8 51Y C . -2.36 -3.51 8.75
C9 51Y C . -3.27 -3.55 9.87
C10 51Y C . -4.65 -3.01 9.52
O11 51Y C . -4.89 -1.92 10.40
C12 51Y C . -4.83 -2.55 8.09
C13 51Y C . -5.65 -4.08 9.83
C14 51Y C . -4.92 -5.18 10.53
C15 51Y C . -3.45 -5.00 10.24
CL1 51Y C . 1.71 -1.38 6.63
C17 51Y C . 0.93 0.99 8.19
N18 51Y C . 1.59 1.94 8.03
#